data_4HXQ
#
_entry.id   4HXQ
#
_cell.length_a   90.321
_cell.length_b   90.321
_cell.length_c   69.534
_cell.angle_alpha   90.000
_cell.angle_beta   90.000
_cell.angle_gamma   120.000
#
_symmetry.space_group_name_H-M   'P 3'
#
loop_
_entity.id
_entity.type
_entity.pdbx_description
1 polymer Arginase-1
2 non-polymer [(5R)-5-carboxy-5-(methylamino)-7-(piperidin-1-yl)heptyl](trihydroxy)borate(1-)
3 non-polymer 'MANGANESE (II) ION'
4 water water
#
_entity_poly.entity_id   1
_entity_poly.type   'polypeptide(L)'
_entity_poly.pdbx_seq_one_letter_code
;SRTIGIIGAPFSKGQPRGGVEEGPTVLRKAGLLEKLKEQECDVKDYGDLPFADIPNDSPFQIVKNPRSVGKASEQLAGKV
AEVKKNGRISLVLGGDHSLAIGSISGHARVHPDLGVIWVDAHTDINTPLTTTSGNLHGQPVSFLLKELKGKIPDVPGFSW
VTPCISAKDIVYIGLRDVDPGEHYILKTLGIKYFSMTEVDRLGIGKVMEETLSYLLGRKKRPIHLSFDVDGLDPSFTPAT
GTPVVGGLTYREGLYITEEIYKTGLLSGLDIMEVNPSLGKTPEEVTRTVNTAVAITLACFGLAREGNHKPIDYL
;
_entity_poly.pdbx_strand_id   A,B
#
# COMPACT_ATOMS: atom_id res chain seq x y z
N SER A 1 40.57 -15.18 5.67
CA SER A 1 39.41 -15.70 4.97
C SER A 1 38.14 -15.05 5.47
N ARG A 2 37.11 -15.05 4.62
CA ARG A 2 35.82 -14.43 4.96
C ARG A 2 35.02 -15.21 5.99
N THR A 3 34.50 -14.50 6.98
CA THR A 3 33.61 -15.08 7.98
C THR A 3 32.34 -14.25 8.03
N ILE A 4 31.18 -14.91 7.94
CA ILE A 4 29.90 -14.19 7.77
C ILE A 4 28.86 -14.40 8.88
N GLY A 5 28.13 -13.34 9.23
CA GLY A 5 27.03 -13.41 10.18
C GLY A 5 25.70 -13.02 9.55
N ILE A 6 24.82 -13.99 9.35
CA ILE A 6 23.54 -13.73 8.70
C ILE A 6 22.46 -13.29 9.69
N ILE A 7 21.81 -12.17 9.39
CA ILE A 7 20.73 -11.65 10.22
C ILE A 7 19.50 -11.44 9.34
N GLY A 8 18.41 -12.13 9.65
CA GLY A 8 17.17 -11.93 8.95
C GLY A 8 16.42 -10.76 9.55
N ALA A 9 15.83 -9.93 8.71
CA ALA A 9 15.10 -8.76 9.17
C ALA A 9 13.74 -8.71 8.47
N PRO A 10 12.80 -9.56 8.91
CA PRO A 10 11.49 -9.66 8.28
C PRO A 10 10.60 -8.48 8.67
N PHE A 11 10.81 -7.35 8.01
CA PHE A 11 10.16 -6.10 8.37
C PHE A 11 9.70 -5.36 7.13
N SER A 12 8.48 -4.81 7.21
CA SER A 12 7.81 -4.22 6.06
C SER A 12 7.23 -2.82 6.26
N LYS A 13 7.19 -2.34 7.50
CA LYS A 13 6.42 -1.13 7.81
C LYS A 13 7.10 0.21 7.44
N GLY A 14 8.26 0.14 6.80
CA GLY A 14 8.85 1.29 6.15
C GLY A 14 8.23 1.62 4.80
N GLN A 15 7.27 0.80 4.36
CA GLN A 15 6.56 1.03 3.11
C GLN A 15 5.18 0.35 3.13
N PRO A 16 4.32 0.62 2.13
CA PRO A 16 2.94 0.12 2.27
C PRO A 16 2.70 -1.38 2.02
N ARG A 17 3.44 -1.99 1.10
CA ARG A 17 3.16 -3.34 0.64
C ARG A 17 3.78 -4.41 1.56
N GLY A 18 2.99 -5.42 1.95
CA GLY A 18 3.37 -6.29 3.06
C GLY A 18 4.39 -7.40 2.87
N GLY A 19 4.45 -7.97 1.68
CA GLY A 19 5.21 -9.18 1.43
C GLY A 19 6.73 -9.13 1.52
N VAL A 20 7.31 -7.96 1.75
CA VAL A 20 8.77 -7.89 1.88
C VAL A 20 9.28 -8.56 3.16
N GLU A 21 8.36 -8.84 4.08
CA GLU A 21 8.70 -9.56 5.32
C GLU A 21 9.19 -10.96 5.04
N GLU A 22 8.81 -11.50 3.88
CA GLU A 22 9.16 -12.86 3.51
C GLU A 22 10.49 -12.94 2.78
N GLY A 23 11.15 -11.79 2.62
CA GLY A 23 12.47 -11.73 2.02
C GLY A 23 13.51 -12.71 2.58
N PRO A 24 13.78 -12.65 3.89
CA PRO A 24 14.71 -13.60 4.50
C PRO A 24 14.33 -15.05 4.22
N THR A 25 13.04 -15.36 4.22
CA THR A 25 12.58 -16.75 4.09
C THR A 25 12.83 -17.31 2.69
N VAL A 26 12.53 -16.53 1.66
CA VAL A 26 12.70 -17.03 0.30
C VAL A 26 14.19 -17.06 -0.11
N LEU A 27 14.98 -16.15 0.42
CA LEU A 27 16.42 -16.16 0.19
C LEU A 27 17.11 -17.37 0.85
N ARG A 28 16.70 -17.70 2.07
CA ARG A 28 17.18 -18.91 2.74
C ARG A 28 16.77 -20.20 2.03
N LYS A 29 15.52 -20.28 1.57
CA LYS A 29 15.01 -21.49 0.91
C LYS A 29 15.59 -21.65 -0.51
N ALA A 30 16.17 -20.56 -1.03
CA ALA A 30 16.92 -20.61 -2.27
C ALA A 30 18.28 -21.28 -2.04
N GLY A 31 18.62 -21.49 -0.79
CA GLY A 31 19.83 -22.21 -0.42
C GLY A 31 21.01 -21.28 -0.29
N LEU A 32 20.75 -20.05 0.15
CA LEU A 32 21.79 -19.03 0.27
C LEU A 32 22.90 -19.43 1.21
N LEU A 33 22.51 -20.00 2.35
CA LEU A 33 23.47 -20.39 3.36
C LEU A 33 24.34 -21.55 2.90
N GLU A 34 23.75 -22.49 2.19
CA GLU A 34 24.46 -23.66 1.68
C GLU A 34 25.43 -23.25 0.57
N LYS A 35 24.98 -22.37 -0.30
CA LYS A 35 25.80 -21.90 -1.43
C LYS A 35 27.00 -21.07 -0.96
N LEU A 36 26.81 -20.35 0.15
CA LEU A 36 27.92 -19.63 0.78
C LEU A 36 28.93 -20.60 1.34
N LYS A 37 28.45 -21.72 1.90
CA LYS A 37 29.34 -22.76 2.38
C LYS A 37 30.06 -23.48 1.26
N GLU A 38 29.39 -23.61 0.12
CA GLU A 38 29.97 -24.27 -1.05
C GLU A 38 31.24 -23.56 -1.52
N GLN A 39 31.26 -22.24 -1.36
CA GLN A 39 32.45 -21.46 -1.65
C GLN A 39 33.21 -21.22 -0.36
N GLU A 40 34.12 -20.25 -0.37
CA GLU A 40 35.07 -20.18 0.74
C GLU A 40 34.60 -20.02 2.21
N CYS A 41 33.28 -19.95 2.46
CA CYS A 41 32.75 -19.21 3.61
C CYS A 41 32.30 -19.93 4.87
N ASP A 42 32.76 -19.41 6.00
CA ASP A 42 32.35 -19.82 7.35
C ASP A 42 31.12 -19.01 7.73
N VAL A 43 29.95 -19.66 7.76
CA VAL A 43 28.66 -18.99 7.93
C VAL A 43 28.00 -19.32 9.27
N LYS A 44 27.62 -18.27 10.01
CA LYS A 44 26.81 -18.42 11.24
C LYS A 44 25.54 -17.64 11.09
N ASP A 45 24.42 -18.32 11.27
CA ASP A 45 23.09 -17.72 11.14
C ASP A 45 22.64 -17.24 12.50
N TYR A 46 22.45 -15.93 12.63
CA TYR A 46 22.00 -15.32 13.88
C TYR A 46 20.47 -15.23 13.95
N GLY A 47 19.80 -15.85 12.99
CA GLY A 47 18.36 -15.98 13.02
C GLY A 47 17.62 -14.78 12.46
N ASP A 48 16.30 -14.91 12.42
CA ASP A 48 15.40 -13.83 12.05
C ASP A 48 15.10 -13.05 13.30
N LEU A 49 15.11 -11.73 13.21
CA LEU A 49 14.78 -10.88 14.35
C LEU A 49 13.30 -10.92 14.67
N PRO A 50 12.96 -11.05 15.96
CA PRO A 50 11.55 -10.98 16.34
C PRO A 50 11.13 -9.54 16.55
N PHE A 51 10.37 -9.01 15.58
CA PHE A 51 9.89 -7.65 15.66
C PHE A 51 8.51 -7.64 16.30
N ALA A 52 8.42 -7.18 17.54
CA ALA A 52 7.15 -7.03 18.24
C ALA A 52 6.22 -6.16 17.41
N ASP A 53 4.93 -6.49 17.45
CA ASP A 53 3.92 -5.65 16.86
C ASP A 53 3.76 -4.46 17.78
N ILE A 54 3.82 -3.25 17.22
CA ILE A 54 3.45 -2.03 17.93
C ILE A 54 2.18 -1.51 17.29
N PRO A 55 1.02 -1.92 17.83
CA PRO A 55 -0.27 -1.65 17.21
C PRO A 55 -0.68 -0.18 17.35
N ASN A 56 -0.14 0.49 18.37
CA ASN A 56 -0.34 1.92 18.53
C ASN A 56 0.82 2.72 17.95
N ASP A 57 0.64 3.15 16.71
CA ASP A 57 1.69 3.78 15.94
C ASP A 57 1.06 4.67 14.87
N SER A 58 0.53 5.81 15.32
CA SER A 58 -0.13 6.76 14.41
C SER A 58 0.90 7.63 13.71
N PRO A 59 0.58 8.13 12.51
CA PRO A 59 1.60 8.85 11.75
C PRO A 59 2.12 10.06 12.50
N PHE A 60 3.40 10.35 12.30
CA PHE A 60 3.99 11.60 12.75
C PHE A 60 3.94 12.55 11.58
N GLN A 61 2.97 13.46 11.60
CA GLN A 61 2.67 14.28 10.44
C GLN A 61 2.29 13.32 9.32
N ILE A 62 3.12 13.24 8.29
CA ILE A 62 2.82 12.45 7.10
C ILE A 62 3.54 11.10 7.17
N VAL A 63 4.52 11.02 8.07
CA VAL A 63 5.38 9.85 8.21
C VAL A 63 4.64 8.66 8.83
N LYS A 64 4.65 7.53 8.13
CA LYS A 64 3.86 6.36 8.55
C LYS A 64 4.65 5.33 9.34
N ASN A 65 4.00 4.76 10.35
CA ASN A 65 4.56 3.71 11.18
C ASN A 65 5.93 4.04 11.80
N PRO A 66 6.10 5.26 12.35
CA PRO A 66 7.44 5.67 12.79
C PRO A 66 8.02 4.86 13.97
N ARG A 67 7.18 4.51 14.94
CA ARG A 67 7.63 3.75 16.10
C ARG A 67 8.06 2.32 15.73
N SER A 68 7.34 1.71 14.80
CA SER A 68 7.62 0.37 14.29
C SER A 68 8.93 0.30 13.52
N VAL A 69 9.12 1.26 12.63
CA VAL A 69 10.34 1.38 11.85
C VAL A 69 11.53 1.69 12.76
N GLY A 70 11.33 2.61 13.70
CA GLY A 70 12.41 3.01 14.58
C GLY A 70 12.92 1.91 15.47
N LYS A 71 12.00 1.16 16.07
CA LYS A 71 12.35 0.04 16.95
C LYS A 71 13.00 -1.10 16.18
N ALA A 72 12.51 -1.36 14.98
CA ALA A 72 13.08 -2.41 14.15
C ALA A 72 14.53 -2.08 13.82
N SER A 73 14.78 -0.83 13.45
CA SER A 73 16.16 -0.39 13.22
C SER A 73 16.99 -0.37 14.51
N GLU A 74 16.41 0.03 15.64
CA GLU A 74 17.13 -0.03 16.91
C GLU A 74 17.57 -1.46 17.23
N GLN A 75 16.68 -2.42 17.01
CA GLN A 75 16.96 -3.81 17.30
C GLN A 75 18.03 -4.32 16.35
N LEU A 76 17.91 -3.95 15.08
CA LEU A 76 18.86 -4.42 14.07
C LEU A 76 20.25 -3.86 14.30
N ALA A 77 20.32 -2.60 14.72
CA ALA A 77 21.59 -1.98 15.04
C ALA A 77 22.32 -2.78 16.12
N GLY A 78 21.59 -3.19 17.14
CA GLY A 78 22.14 -4.01 18.19
C GLY A 78 22.68 -5.34 17.72
N LYS A 79 21.91 -6.02 16.87
CA LYS A 79 22.34 -7.31 16.36
C LYS A 79 23.55 -7.19 15.46
N VAL A 80 23.54 -6.23 14.54
CA VAL A 80 24.69 -5.97 13.66
C VAL A 80 25.96 -5.65 14.43
N ALA A 81 25.90 -4.78 15.43
CA ALA A 81 27.06 -4.47 16.27
C ALA A 81 27.56 -5.72 16.96
N GLU A 82 26.64 -6.61 17.32
CA GLU A 82 27.00 -7.86 17.96
C GLU A 82 27.75 -8.78 17.02
N VAL A 83 27.32 -8.83 15.76
CA VAL A 83 27.99 -9.67 14.78
C VAL A 83 29.36 -9.08 14.40
N LYS A 84 29.48 -7.76 14.36
CA LYS A 84 30.75 -7.12 14.04
C LYS A 84 31.78 -7.30 15.16
N LYS A 85 31.33 -7.21 16.41
CA LYS A 85 32.22 -7.49 17.55
C LYS A 85 32.78 -8.91 17.51
N ASN A 86 32.03 -9.82 16.90
CA ASN A 86 32.48 -11.20 16.74
C ASN A 86 33.35 -11.45 15.52
N GLY A 87 33.72 -10.38 14.82
CA GLY A 87 34.67 -10.44 13.73
C GLY A 87 34.11 -10.94 12.41
N ARG A 88 32.79 -10.88 12.25
CA ARG A 88 32.13 -11.42 11.06
C ARG A 88 31.61 -10.30 10.19
N ILE A 89 31.52 -10.58 8.88
CA ILE A 89 30.83 -9.69 7.96
C ILE A 89 29.35 -9.87 8.14
N SER A 90 28.64 -8.80 8.49
CA SER A 90 27.20 -8.88 8.69
C SER A 90 26.50 -8.93 7.37
N LEU A 91 25.58 -9.89 7.22
CA LEU A 91 24.76 -9.99 6.04
C LEU A 91 23.30 -9.90 6.47
N VAL A 92 22.71 -8.73 6.22
CA VAL A 92 21.32 -8.47 6.56
C VAL A 92 20.41 -8.78 5.38
N LEU A 93 19.47 -9.69 5.58
CA LEU A 93 18.49 -10.02 4.57
C LEU A 93 17.21 -9.28 4.95
N GLY A 94 16.79 -8.35 4.12
CA GLY A 94 15.56 -7.61 4.36
C GLY A 94 14.37 -8.26 3.67
N GLY A 95 13.18 -7.70 3.86
CA GLY A 95 13.00 -6.49 4.63
C GLY A 95 13.09 -5.23 3.78
N ASP A 96 12.37 -4.19 4.18
CA ASP A 96 12.41 -2.92 3.44
C ASP A 96 13.65 -2.10 3.80
N HIS A 97 13.93 -1.08 2.99
CA HIS A 97 15.20 -0.37 3.08
C HIS A 97 15.34 0.59 4.25
N SER A 98 14.28 0.78 5.04
CA SER A 98 14.34 1.65 6.21
C SER A 98 15.31 1.05 7.21
N LEU A 99 15.49 -0.26 7.12
CA LEU A 99 16.36 -1.02 8.01
C LEU A 99 17.82 -0.63 7.89
N ALA A 100 18.18 0.00 6.80
CA ALA A 100 19.52 0.52 6.63
C ALA A 100 19.93 1.48 7.74
N ILE A 101 18.96 2.19 8.32
CA ILE A 101 19.26 3.05 9.46
C ILE A 101 19.88 2.23 10.57
N GLY A 102 19.33 1.06 10.83
CA GLY A 102 19.84 0.16 11.84
C GLY A 102 21.11 -0.57 11.45
N SER A 103 21.16 -1.04 10.22
CA SER A 103 22.34 -1.75 9.74
C SER A 103 23.59 -0.89 9.72
N ILE A 104 23.49 0.29 9.13
CA ILE A 104 24.65 1.17 9.07
C ILE A 104 25.03 1.68 10.46
N SER A 105 24.03 1.97 11.30
CA SER A 105 24.28 2.44 12.67
C SER A 105 25.00 1.42 13.52
N GLY A 106 24.52 0.17 13.51
CA GLY A 106 25.16 -0.89 14.26
C GLY A 106 26.59 -1.13 13.79
N HIS A 107 26.77 -1.14 12.48
CA HIS A 107 28.08 -1.34 11.87
C HIS A 107 29.06 -0.27 12.32
N ALA A 108 28.60 0.97 12.33
CA ALA A 108 29.43 2.13 12.66
C ALA A 108 29.82 2.24 14.12
N ARG A 109 29.09 1.57 15.01
CA ARG A 109 29.46 1.53 16.41
C ARG A 109 30.79 0.80 16.59
N VAL A 110 31.03 -0.20 15.75
CA VAL A 110 32.28 -0.96 15.77
C VAL A 110 33.33 -0.42 14.79
N HIS A 111 32.88 0.07 13.63
CA HIS A 111 33.79 0.64 12.65
C HIS A 111 33.36 2.06 12.22
N PRO A 112 33.65 3.06 13.06
CA PRO A 112 33.20 4.44 12.81
C PRO A 112 33.72 5.02 11.48
N ASP A 113 34.73 4.39 10.90
CA ASP A 113 35.39 4.89 9.70
C ASP A 113 34.87 4.25 8.41
N LEU A 114 33.70 3.61 8.47
CA LEU A 114 33.15 2.96 7.29
C LEU A 114 32.75 3.93 6.16
N GLY A 115 32.83 3.43 4.93
CA GLY A 115 32.32 4.14 3.77
C GLY A 115 31.18 3.33 3.22
N VAL A 116 30.15 4.00 2.72
CA VAL A 116 28.94 3.33 2.26
C VAL A 116 28.83 3.34 0.74
N ILE A 117 28.56 2.19 0.14
CA ILE A 117 28.15 2.14 -1.25
C ILE A 117 26.67 1.78 -1.30
N TRP A 118 25.87 2.59 -1.97
CA TRP A 118 24.42 2.46 -1.97
C TRP A 118 23.94 2.19 -3.39
N VAL A 119 23.61 0.94 -3.67
CA VAL A 119 23.15 0.56 -5.00
C VAL A 119 21.61 0.54 -5.02
N ASP A 120 21.00 1.39 -5.84
CA ASP A 120 19.58 1.67 -5.72
C ASP A 120 19.11 2.54 -6.87
N ALA A 121 17.84 2.44 -7.23
CA ALA A 121 17.23 3.38 -8.17
C ALA A 121 16.93 4.70 -7.49
N HIS A 122 17.04 4.69 -6.17
CA HIS A 122 16.62 5.80 -5.33
C HIS A 122 17.73 6.23 -4.39
N THR A 123 17.73 7.51 -4.01
CA THR A 123 18.71 8.01 -3.06
C THR A 123 18.32 7.74 -1.60
N ASP A 124 17.02 7.52 -1.38
CA ASP A 124 16.46 7.28 -0.05
C ASP A 124 16.90 8.33 0.98
N ILE A 125 16.89 9.59 0.58
CA ILE A 125 17.48 10.65 1.40
C ILE A 125 16.47 11.76 1.70
N ASN A 126 15.19 11.51 1.43
CA ASN A 126 14.16 12.41 1.90
C ASN A 126 14.23 12.52 3.42
N THR A 127 13.88 13.71 3.94
CA THR A 127 13.74 13.87 5.39
C THR A 127 12.26 13.69 5.73
N PRO A 128 11.92 13.54 7.03
CA PRO A 128 10.51 13.53 7.42
C PRO A 128 9.72 14.75 6.95
N LEU A 129 10.43 15.81 6.56
CA LEU A 129 9.80 17.04 6.11
C LEU A 129 9.75 17.20 4.60
N THR A 130 10.66 16.57 3.88
CA THR A 130 10.62 16.65 2.42
C THR A 130 9.80 15.54 1.76
N THR A 131 9.62 14.42 2.45
CA THR A 131 8.87 13.29 1.91
C THR A 131 7.46 13.70 1.52
N THR A 132 6.96 13.16 0.42
CA THR A 132 5.58 13.38 0.02
C THR A 132 4.76 12.11 0.20
N SER A 133 5.44 11.00 0.46
CA SER A 133 4.76 9.72 0.60
C SER A 133 4.63 9.33 2.06
N GLY A 134 5.60 9.72 2.87
CA GLY A 134 5.62 9.33 4.27
C GLY A 134 6.21 7.95 4.53
N ASN A 135 6.61 7.25 3.47
CA ASN A 135 7.17 5.92 3.61
C ASN A 135 8.65 5.98 4.01
N LEU A 136 8.98 5.42 5.17
CA LEU A 136 10.32 5.61 5.75
C LEU A 136 11.47 4.92 5.02
N HIS A 137 11.14 3.99 4.14
CA HIS A 137 12.17 3.33 3.33
C HIS A 137 12.76 4.27 2.29
N GLY A 138 12.11 5.42 2.09
CA GLY A 138 12.64 6.45 1.20
C GLY A 138 13.38 7.52 1.96
N GLN A 139 13.58 7.30 3.25
CA GLN A 139 14.23 8.27 4.13
C GLN A 139 15.50 7.87 4.92
N PRO A 140 15.97 6.60 4.84
CA PRO A 140 16.99 6.22 5.83
C PRO A 140 18.30 7.01 5.78
N VAL A 141 18.71 7.47 4.61
CA VAL A 141 19.99 8.16 4.53
C VAL A 141 19.98 9.49 5.26
N SER A 142 18.83 10.17 5.27
CA SER A 142 18.72 11.46 5.94
C SER A 142 18.94 11.35 7.43
N PHE A 143 18.60 10.20 8.00
CA PHE A 143 18.77 9.96 9.42
C PHE A 143 20.22 9.65 9.75
N LEU A 144 20.98 9.24 8.74
CA LEU A 144 22.34 8.78 8.93
C LEU A 144 23.39 9.88 8.78
N LEU A 145 23.07 10.90 7.99
CA LEU A 145 24.04 11.93 7.62
C LEU A 145 24.22 13.01 8.68
N LYS A 146 25.47 13.26 9.06
CA LYS A 146 25.79 14.28 10.06
C LYS A 146 25.39 15.69 9.62
N GLU A 147 25.58 15.98 8.34
CA GLU A 147 25.30 17.30 7.76
C GLU A 147 23.85 17.69 7.86
N LEU A 148 22.98 16.70 8.04
CA LEU A 148 21.55 16.96 8.09
C LEU A 148 20.96 16.99 9.49
N LYS A 149 21.78 16.97 10.53
CA LYS A 149 21.22 17.09 11.86
C LYS A 149 20.66 18.51 12.06
N GLY A 150 19.50 18.59 12.69
CA GLY A 150 18.83 19.86 12.84
C GLY A 150 17.80 20.07 11.76
N LYS A 151 17.82 19.17 10.77
CA LYS A 151 16.83 19.18 9.70
C LYS A 151 15.88 18.00 9.89
N ILE A 152 16.26 17.09 10.77
CA ILE A 152 15.42 15.94 11.08
C ILE A 152 14.63 16.23 12.36
N PRO A 153 13.29 16.18 12.27
CA PRO A 153 12.42 16.39 13.43
C PRO A 153 12.54 15.26 14.45
N ASP A 154 12.12 15.51 15.69
CA ASP A 154 12.09 14.46 16.70
C ASP A 154 10.95 13.49 16.40
N VAL A 155 11.24 12.52 15.54
CA VAL A 155 10.28 11.48 15.17
C VAL A 155 10.22 10.39 16.23
N PRO A 156 9.01 10.10 16.74
CA PRO A 156 8.84 9.03 17.72
C PRO A 156 9.42 7.71 17.23
N GLY A 157 10.22 7.06 18.06
CA GLY A 157 10.88 5.83 17.66
C GLY A 157 12.34 6.00 17.29
N PHE A 158 12.78 7.24 17.07
CA PHE A 158 14.14 7.47 16.60
C PHE A 158 15.04 8.28 17.53
N SER A 159 14.71 8.40 18.81
CA SER A 159 15.53 9.19 19.74
C SER A 159 16.92 8.58 19.96
N TRP A 160 17.06 7.31 19.64
CA TRP A 160 18.30 6.58 19.85
C TRP A 160 19.30 6.86 18.74
N VAL A 161 18.83 7.40 17.62
CA VAL A 161 19.67 7.61 16.44
C VAL A 161 20.65 8.73 16.60
N THR A 162 21.91 8.39 16.35
CA THR A 162 22.98 9.37 16.23
C THR A 162 23.52 9.22 14.82
N PRO A 163 23.42 10.27 13.99
CA PRO A 163 23.87 10.17 12.60
C PRO A 163 25.37 9.90 12.50
N CYS A 164 25.77 8.76 11.97
CA CYS A 164 27.18 8.33 12.02
C CYS A 164 28.03 8.48 10.76
N ILE A 165 27.44 8.94 9.66
CA ILE A 165 28.21 9.08 8.43
C ILE A 165 28.18 10.51 7.88
N SER A 166 29.32 10.96 7.37
CA SER A 166 29.40 12.24 6.67
C SER A 166 28.98 12.07 5.21
N ALA A 167 28.51 13.16 4.61
CA ALA A 167 28.14 13.17 3.20
C ALA A 167 29.27 12.71 2.30
N LYS A 168 30.51 12.89 2.75
CA LYS A 168 31.67 12.52 1.96
C LYS A 168 31.93 11.02 1.92
N ASP A 169 31.25 10.27 2.79
CA ASP A 169 31.52 8.85 2.98
C ASP A 169 30.50 7.92 2.35
N ILE A 170 29.72 8.41 1.42
CA ILE A 170 28.74 7.57 0.72
C ILE A 170 28.82 7.78 -0.79
N VAL A 171 28.66 6.70 -1.54
CA VAL A 171 28.54 6.76 -2.99
C VAL A 171 27.27 6.02 -3.44
N TYR A 172 26.44 6.69 -4.23
CA TYR A 172 25.27 6.09 -4.85
C TYR A 172 25.58 5.55 -6.23
N ILE A 173 25.05 4.39 -6.55
CA ILE A 173 25.13 3.86 -7.91
C ILE A 173 23.77 3.35 -8.35
N GLY A 174 23.27 3.85 -9.46
CA GLY A 174 22.06 3.32 -10.07
C GLY A 174 20.85 4.25 -10.09
N LEU A 175 21.03 5.47 -9.61
CA LEU A 175 19.92 6.42 -9.50
C LEU A 175 19.18 6.70 -10.80
N ARG A 176 17.86 6.57 -10.74
CA ARG A 176 16.93 7.04 -11.77
C ARG A 176 15.51 7.44 -11.34
N ASP A 177 15.26 7.53 -10.04
CA ASP A 177 13.99 8.06 -9.56
C ASP A 177 14.21 8.86 -8.28
N VAL A 178 14.65 10.09 -8.47
CA VAL A 178 15.10 10.96 -7.39
C VAL A 178 14.12 12.12 -7.26
N ASP A 179 13.55 12.28 -6.07
CA ASP A 179 12.56 13.33 -5.81
C ASP A 179 13.26 14.69 -5.78
N PRO A 180 12.52 15.77 -6.05
CA PRO A 180 13.13 17.11 -6.07
C PRO A 180 13.87 17.47 -4.77
N GLY A 181 13.27 17.23 -3.62
CA GLY A 181 13.93 17.48 -2.35
C GLY A 181 15.22 16.72 -2.20
N GLU A 182 15.22 15.46 -2.62
CA GLU A 182 16.40 14.62 -2.59
C GLU A 182 17.51 15.16 -3.48
N HIS A 183 17.15 15.61 -4.69
CA HIS A 183 18.13 16.16 -5.62
C HIS A 183 18.75 17.38 -5.01
N TYR A 184 17.95 18.22 -4.37
CA TYR A 184 18.46 19.40 -3.67
C TYR A 184 19.52 19.07 -2.63
N ILE A 185 19.23 18.09 -1.78
CA ILE A 185 20.16 17.61 -0.77
C ILE A 185 21.43 17.06 -1.41
N LEU A 186 21.24 16.26 -2.46
CA LEU A 186 22.34 15.66 -3.20
C LEU A 186 23.35 16.70 -3.67
N LYS A 187 22.85 17.75 -4.32
CA LYS A 187 23.66 18.84 -4.85
C LYS A 187 24.21 19.75 -3.77
N THR A 188 23.39 20.02 -2.76
CA THR A 188 23.80 20.91 -1.68
C THR A 188 24.94 20.33 -0.83
N LEU A 189 24.83 19.05 -0.51
CA LEU A 189 25.83 18.36 0.32
C LEU A 189 27.03 17.84 -0.46
N GLY A 190 26.96 17.86 -1.78
CA GLY A 190 28.08 17.43 -2.61
C GLY A 190 28.36 15.95 -2.59
N ILE A 191 27.30 15.17 -2.46
CA ILE A 191 27.40 13.74 -2.38
C ILE A 191 27.79 13.15 -3.73
N LYS A 192 28.71 12.19 -3.69
CA LYS A 192 29.17 11.51 -4.89
C LYS A 192 28.11 10.52 -5.37
N TYR A 193 27.76 10.60 -6.64
CA TYR A 193 26.73 9.74 -7.19
C TYR A 193 26.98 9.38 -8.63
N PHE A 194 26.54 8.19 -9.01
CA PHE A 194 26.55 7.72 -10.37
C PHE A 194 25.14 7.27 -10.68
N SER A 195 24.36 8.19 -11.23
CA SER A 195 23.03 7.87 -11.66
C SER A 195 23.15 7.04 -12.92
N MET A 196 22.04 6.60 -13.49
CA MET A 196 22.11 5.78 -14.69
C MET A 196 22.74 6.55 -15.84
N THR A 197 22.60 7.87 -15.81
CA THR A 197 23.22 8.74 -16.79
C THR A 197 24.72 8.60 -16.77
N GLU A 198 25.31 8.61 -15.58
CA GLU A 198 26.77 8.42 -15.42
C GLU A 198 27.24 7.03 -15.81
N VAL A 199 26.43 6.01 -15.50
CA VAL A 199 26.79 4.65 -15.86
C VAL A 199 26.78 4.51 -17.38
N ASP A 200 25.80 5.14 -18.03
CA ASP A 200 25.74 5.15 -19.49
C ASP A 200 26.94 5.88 -20.10
N ARG A 201 27.30 7.01 -19.49
CA ARG A 201 28.40 7.84 -19.95
C ARG A 201 29.73 7.14 -19.90
N LEU A 202 30.04 6.59 -18.72
CA LEU A 202 31.37 6.13 -18.38
C LEU A 202 31.58 4.63 -18.51
N GLY A 203 30.50 3.87 -18.37
CA GLY A 203 30.59 2.42 -18.28
C GLY A 203 30.77 2.01 -16.84
N ILE A 204 30.24 0.85 -16.47
CA ILE A 204 30.33 0.37 -15.10
C ILE A 204 31.78 0.16 -14.67
N GLY A 205 32.66 -0.12 -15.63
CA GLY A 205 34.06 -0.29 -15.33
C GLY A 205 34.66 0.95 -14.70
N LYS A 206 34.47 2.10 -15.35
CA LYS A 206 34.99 3.36 -14.84
C LYS A 206 34.24 3.79 -13.57
N VAL A 207 32.94 3.50 -13.51
CA VAL A 207 32.14 3.80 -12.33
C VAL A 207 32.73 3.16 -11.07
N MET A 208 33.08 1.89 -11.15
CA MET A 208 33.63 1.21 -10.00
C MET A 208 35.05 1.71 -9.66
N GLU A 209 35.86 2.01 -10.67
CA GLU A 209 37.19 2.55 -10.42
C GLU A 209 37.09 3.88 -9.66
N GLU A 210 36.18 4.73 -10.09
CA GLU A 210 35.97 6.03 -9.47
C GLU A 210 35.36 5.89 -8.07
N THR A 211 34.40 4.99 -7.94
CA THR A 211 33.75 4.74 -6.66
C THR A 211 34.77 4.32 -5.61
N LEU A 212 35.63 3.39 -5.97
CA LEU A 212 36.53 2.81 -5.00
C LEU A 212 37.71 3.73 -4.71
N SER A 213 38.13 4.50 -5.71
CA SER A 213 39.24 5.43 -5.51
C SER A 213 38.77 6.58 -4.63
N TYR A 214 37.52 6.97 -4.81
CA TYR A 214 36.92 8.02 -4.01
C TYR A 214 36.83 7.60 -2.55
N LEU A 215 36.39 6.38 -2.32
CA LEU A 215 36.16 5.91 -0.97
C LEU A 215 37.42 5.43 -0.26
N LEU A 216 38.40 4.94 -1.01
CA LEU A 216 39.55 4.25 -0.42
C LEU A 216 40.91 4.85 -0.78
N GLY A 217 40.90 5.93 -1.56
CA GLY A 217 42.12 6.60 -1.98
C GLY A 217 43.03 7.10 -0.87
N ARG A 218 42.47 7.86 0.07
CA ARG A 218 43.25 8.36 1.20
C ARG A 218 43.70 7.23 2.14
N LYS A 219 42.71 6.49 2.64
CA LYS A 219 42.90 5.52 3.70
C LYS A 219 42.00 4.31 3.49
N LYS A 220 42.57 3.11 3.55
CA LYS A 220 41.77 1.90 3.57
C LYS A 220 40.85 1.89 4.77
N ARG A 221 39.58 1.50 4.57
CA ARG A 221 38.56 1.41 5.65
C ARG A 221 37.44 0.40 5.34
N PRO A 222 36.55 0.11 6.31
CA PRO A 222 35.52 -0.91 6.08
C PRO A 222 34.48 -0.40 5.08
N ILE A 223 34.02 -1.29 4.20
CA ILE A 223 32.95 -0.94 3.27
C ILE A 223 31.62 -1.51 3.75
N HIS A 224 30.58 -0.68 3.70
CA HIS A 224 29.21 -1.14 3.87
C HIS A 224 28.48 -1.03 2.55
N LEU A 225 28.03 -2.15 2.01
CA LEU A 225 27.24 -2.15 0.78
C LEU A 225 25.76 -2.34 1.09
N SER A 226 24.95 -1.33 0.80
CA SER A 226 23.52 -1.43 0.97
C SER A 226 22.91 -1.65 -0.39
N PHE A 227 22.49 -2.88 -0.67
CA PHE A 227 22.03 -3.26 -2.00
C PHE A 227 20.51 -3.41 -2.04
N ASP A 228 19.84 -2.46 -2.69
CA ASP A 228 18.40 -2.52 -2.92
C ASP A 228 18.23 -3.22 -4.24
N VAL A 229 17.45 -4.29 -4.27
CA VAL A 229 17.33 -5.06 -5.50
C VAL A 229 16.69 -4.25 -6.62
N ASP A 230 16.00 -3.17 -6.29
CA ASP A 230 15.45 -2.30 -7.33
C ASP A 230 16.52 -1.47 -8.03
N GLY A 231 17.76 -1.57 -7.58
CA GLY A 231 18.89 -1.00 -8.28
C GLY A 231 19.02 -1.60 -9.67
N LEU A 232 18.83 -2.91 -9.76
CA LEU A 232 18.85 -3.59 -11.04
C LEU A 232 17.50 -3.41 -11.73
N ASP A 233 17.51 -3.50 -13.05
CA ASP A 233 16.32 -3.34 -13.88
C ASP A 233 15.26 -4.36 -13.45
N PRO A 234 13.97 -3.99 -13.57
CA PRO A 234 12.88 -4.93 -13.26
C PRO A 234 12.80 -6.17 -14.17
N SER A 235 13.59 -6.22 -15.24
CA SER A 235 13.66 -7.43 -16.04
C SER A 235 14.48 -8.51 -15.33
N PHE A 236 15.22 -8.11 -14.29
CA PHE A 236 16.01 -9.03 -13.48
C PHE A 236 15.47 -9.17 -12.06
N THR A 237 14.93 -8.09 -11.53
CA THR A 237 14.37 -8.10 -10.18
C THR A 237 12.97 -7.50 -10.10
N PRO A 238 11.98 -8.13 -10.76
CA PRO A 238 10.63 -7.56 -10.80
C PRO A 238 9.86 -7.60 -9.47
N ALA A 239 10.17 -8.57 -8.63
CA ALA A 239 9.41 -8.77 -7.42
C ALA A 239 9.92 -7.83 -6.33
N THR A 240 9.58 -6.56 -6.48
CA THR A 240 10.06 -5.50 -5.59
C THR A 240 9.00 -4.39 -5.64
N GLY A 241 8.94 -3.54 -4.62
CA GLY A 241 7.81 -2.63 -4.47
C GLY A 241 7.83 -1.35 -5.27
N THR A 242 9.02 -0.86 -5.57
CA THR A 242 9.15 0.38 -6.32
C THR A 242 10.08 0.21 -7.50
N PRO A 243 9.70 -0.63 -8.46
CA PRO A 243 10.52 -0.88 -9.65
C PRO A 243 10.56 0.34 -10.56
N VAL A 244 11.74 0.65 -11.10
CA VAL A 244 11.89 1.71 -12.08
C VAL A 244 12.63 1.17 -13.31
N VAL A 245 12.09 1.38 -14.50
CA VAL A 245 12.71 0.89 -15.73
C VAL A 245 14.04 1.60 -16.01
N GLY A 246 14.87 0.97 -16.83
CA GLY A 246 16.14 1.54 -17.21
C GLY A 246 17.24 1.33 -16.20
N GLY A 247 17.25 0.17 -15.54
CA GLY A 247 18.17 -0.08 -14.44
C GLY A 247 19.47 -0.75 -14.80
N LEU A 248 20.29 -0.97 -13.78
CA LEU A 248 21.54 -1.71 -13.94
C LEU A 248 21.24 -3.13 -14.39
N THR A 249 22.10 -3.67 -15.21
CA THR A 249 21.88 -5.02 -15.70
C THR A 249 22.33 -6.04 -14.66
N TYR A 250 22.02 -7.30 -14.90
CA TYR A 250 22.51 -8.40 -14.11
C TYR A 250 24.04 -8.36 -14.10
N ARG A 251 24.61 -8.19 -15.28
CA ARG A 251 26.06 -8.11 -15.43
C ARG A 251 26.62 -6.97 -14.61
N GLU A 252 26.02 -5.79 -14.71
CA GLU A 252 26.50 -4.65 -13.94
C GLU A 252 26.41 -4.89 -12.44
N GLY A 253 25.38 -5.60 -12.00
CA GLY A 253 25.23 -5.89 -10.58
C GLY A 253 26.32 -6.81 -10.08
N LEU A 254 26.64 -7.82 -10.88
CA LEU A 254 27.73 -8.73 -10.54
C LEU A 254 29.08 -8.05 -10.65
N TYR A 255 29.24 -7.13 -11.60
CA TYR A 255 30.51 -6.39 -11.69
C TYR A 255 30.76 -5.50 -10.47
N ILE A 256 29.72 -4.80 -10.05
CA ILE A 256 29.80 -3.96 -8.86
C ILE A 256 30.29 -4.76 -7.66
N THR A 257 29.66 -5.91 -7.46
CA THR A 257 29.87 -6.75 -6.28
C THR A 257 31.16 -7.58 -6.36
N GLU A 258 31.52 -8.00 -7.56
CA GLU A 258 32.83 -8.62 -7.75
C GLU A 258 33.94 -7.65 -7.37
N GLU A 259 33.86 -6.43 -7.88
CA GLU A 259 34.88 -5.42 -7.60
C GLU A 259 34.95 -5.04 -6.11
N ILE A 260 33.79 -4.98 -5.47
CA ILE A 260 33.71 -4.75 -4.04
C ILE A 260 34.34 -5.89 -3.25
N TYR A 261 34.07 -7.12 -3.64
CA TYR A 261 34.68 -8.27 -2.97
C TYR A 261 36.21 -8.19 -3.03
N LYS A 262 36.74 -7.84 -4.20
CA LYS A 262 38.18 -7.84 -4.45
C LYS A 262 38.96 -6.81 -3.63
N THR A 263 38.27 -5.84 -3.04
CA THR A 263 38.94 -4.87 -2.18
C THR A 263 39.39 -5.51 -0.88
N GLY A 264 38.72 -6.58 -0.47
CA GLY A 264 39.04 -7.26 0.76
C GLY A 264 38.52 -6.48 1.96
N LEU A 265 37.70 -5.47 1.67
CA LEU A 265 37.24 -4.54 2.70
C LEU A 265 35.73 -4.57 2.94
N LEU A 266 34.99 -5.44 2.26
CA LEU A 266 33.57 -5.54 2.56
C LEU A 266 33.39 -5.96 4.00
N SER A 267 32.60 -5.20 4.74
CA SER A 267 32.48 -5.36 6.18
C SER A 267 31.01 -5.55 6.56
N GLY A 268 30.12 -4.98 5.76
CA GLY A 268 28.70 -5.10 6.01
C GLY A 268 27.94 -5.14 4.70
N LEU A 269 26.89 -5.95 4.66
CA LEU A 269 26.10 -6.07 3.44
C LEU A 269 24.60 -6.14 3.77
N ASP A 270 23.80 -5.37 3.03
CA ASP A 270 22.35 -5.38 3.12
C ASP A 270 21.81 -5.85 1.78
N ILE A 271 20.91 -6.82 1.79
CA ILE A 271 20.22 -7.26 0.58
C ILE A 271 18.72 -6.99 0.78
N MET A 272 18.23 -5.92 0.17
CA MET A 272 16.95 -5.33 0.57
C MET A 272 15.92 -5.27 -0.52
N GLU A 273 14.66 -5.26 -0.08
CA GLU A 273 13.48 -4.97 -0.90
C GLU A 273 13.02 -6.10 -1.83
N VAL A 274 13.45 -7.32 -1.58
CA VAL A 274 12.86 -8.47 -2.24
C VAL A 274 11.45 -8.73 -1.70
N ASN A 275 10.44 -8.63 -2.55
CA ASN A 275 9.05 -8.91 -2.17
C ASN A 275 8.41 -9.96 -3.06
N PRO A 276 8.48 -11.23 -2.65
CA PRO A 276 8.00 -12.34 -3.50
C PRO A 276 6.52 -12.23 -3.87
N SER A 277 5.72 -11.58 -3.03
CA SER A 277 4.28 -11.51 -3.28
C SER A 277 3.92 -10.57 -4.44
N LEU A 278 4.90 -9.78 -4.90
CA LEU A 278 4.66 -8.82 -5.99
C LEU A 278 5.13 -9.33 -7.33
N GLY A 279 5.51 -10.61 -7.36
CA GLY A 279 5.83 -11.25 -8.61
C GLY A 279 4.55 -11.55 -9.35
N LYS A 280 4.49 -11.14 -10.62
CA LYS A 280 3.32 -11.37 -11.46
C LYS A 280 3.17 -12.85 -11.83
N THR A 281 4.25 -13.60 -11.69
CA THR A 281 4.24 -15.04 -11.93
C THR A 281 5.20 -15.72 -10.95
N PRO A 282 5.07 -17.04 -10.76
CA PRO A 282 6.10 -17.79 -10.02
C PRO A 282 7.52 -17.60 -10.56
N GLU A 283 7.70 -17.45 -11.87
CA GLU A 283 9.04 -17.29 -12.43
C GLU A 283 9.65 -15.94 -12.07
N GLU A 284 8.82 -14.92 -11.99
CA GLU A 284 9.28 -13.59 -11.60
C GLU A 284 9.84 -13.55 -10.17
N VAL A 285 9.24 -14.32 -9.26
CA VAL A 285 9.77 -14.47 -7.90
C VAL A 285 11.10 -15.22 -7.91
N THR A 286 11.14 -16.37 -8.57
CA THR A 286 12.37 -17.14 -8.72
C THR A 286 13.50 -16.30 -9.33
N ARG A 287 13.19 -15.55 -10.38
CA ARG A 287 14.18 -14.73 -11.09
C ARG A 287 14.77 -13.67 -10.17
N THR A 288 13.92 -13.06 -9.36
CA THR A 288 14.32 -12.03 -8.40
C THR A 288 15.20 -12.57 -7.27
N VAL A 289 14.77 -13.66 -6.64
CA VAL A 289 15.53 -14.30 -5.58
C VAL A 289 16.84 -14.90 -6.10
N ASN A 290 16.79 -15.56 -7.25
CA ASN A 290 18.00 -16.07 -7.89
C ASN A 290 19.06 -14.99 -8.09
N THR A 291 18.64 -13.85 -8.61
CA THR A 291 19.52 -12.71 -8.87
C THR A 291 20.09 -12.18 -7.57
N ALA A 292 19.25 -11.94 -6.58
CA ALA A 292 19.69 -11.49 -5.26
C ALA A 292 20.71 -12.45 -4.62
N VAL A 293 20.50 -13.74 -4.79
CA VAL A 293 21.44 -14.73 -4.30
C VAL A 293 22.76 -14.63 -5.05
N ALA A 294 22.67 -14.54 -6.38
CA ALA A 294 23.85 -14.39 -7.22
C ALA A 294 24.67 -13.16 -6.83
N ILE A 295 23.99 -12.03 -6.63
CA ILE A 295 24.60 -10.80 -6.15
C ILE A 295 25.35 -11.03 -4.85
N THR A 296 24.68 -11.68 -3.91
CA THR A 296 25.27 -11.96 -2.61
C THR A 296 26.50 -12.85 -2.73
N LEU A 297 26.42 -13.92 -3.53
CA LEU A 297 27.56 -14.83 -3.68
C LEU A 297 28.78 -14.11 -4.27
N ALA A 298 28.52 -13.19 -5.20
CA ALA A 298 29.59 -12.38 -5.76
C ALA A 298 30.28 -11.54 -4.68
N CYS A 299 29.50 -11.02 -3.72
CA CYS A 299 30.04 -10.21 -2.64
C CYS A 299 31.02 -10.99 -1.80
N PHE A 300 30.87 -12.32 -1.83
CA PHE A 300 31.67 -13.18 -0.97
C PHE A 300 32.60 -14.10 -1.75
N GLY A 301 32.92 -13.72 -2.97
CA GLY A 301 34.02 -14.36 -3.68
C GLY A 301 33.75 -15.09 -4.98
N LEU A 302 32.51 -15.41 -5.29
CA LEU A 302 32.20 -16.12 -6.52
C LEU A 302 32.52 -15.20 -7.68
N ALA A 303 33.45 -15.61 -8.53
CA ALA A 303 33.87 -14.82 -9.69
C ALA A 303 33.46 -15.49 -10.98
N ARG A 304 32.98 -14.71 -11.93
CA ARG A 304 32.59 -15.25 -13.22
C ARG A 304 33.72 -15.93 -14.01
N GLU A 305 34.96 -15.50 -13.77
CA GLU A 305 36.10 -16.10 -14.45
C GLU A 305 36.41 -17.49 -13.91
N GLY A 306 35.83 -17.85 -12.77
CA GLY A 306 36.13 -19.10 -12.10
C GLY A 306 36.85 -18.89 -10.78
N ASN A 307 36.80 -19.93 -9.95
CA ASN A 307 37.47 -19.96 -8.66
C ASN A 307 38.12 -21.33 -8.50
N HIS A 308 39.21 -21.41 -7.77
CA HIS A 308 39.79 -22.71 -7.41
C HIS A 308 40.51 -22.73 -6.05
N LYS A 309 40.56 -23.90 -5.44
CA LYS A 309 41.23 -24.09 -4.15
C LYS A 309 42.74 -24.05 -4.34
N PRO A 310 43.49 -23.73 -3.26
CA PRO A 310 44.95 -23.68 -3.41
C PRO A 310 45.61 -25.07 -3.45
N ILE A 311 45.27 -25.86 -4.46
CA ILE A 311 45.92 -27.14 -4.71
C ILE A 311 46.22 -27.30 -6.20
N ASP A 312 46.89 -28.40 -6.56
CA ASP A 312 47.22 -28.70 -7.94
C ASP A 312 46.11 -29.58 -8.51
N TYR A 313 45.25 -29.01 -9.35
CA TYR A 313 44.15 -29.77 -9.94
C TYR A 313 44.59 -30.82 -10.96
N LEU A 314 45.78 -30.66 -11.52
CA LEU A 314 46.26 -31.59 -12.53
C LEU A 314 47.03 -32.77 -11.95
N SER B 1 -22.85 25.94 -3.01
CA SER B 1 -23.74 25.01 -2.31
C SER B 1 -23.41 23.55 -2.55
N ARG B 2 -24.46 22.76 -2.82
CA ARG B 2 -24.38 21.30 -2.82
C ARG B 2 -25.63 20.72 -3.52
N THR B 3 -25.53 20.48 -4.82
CA THR B 3 -26.64 20.02 -5.67
C THR B 3 -26.59 18.50 -5.87
N ILE B 4 -27.74 17.84 -5.84
CA ILE B 4 -27.82 16.36 -5.79
C ILE B 4 -28.53 15.70 -6.99
N GLY B 5 -28.01 14.55 -7.41
CA GLY B 5 -28.65 13.75 -8.46
C GLY B 5 -28.90 12.31 -8.02
N ILE B 6 -30.16 11.98 -7.75
CA ILE B 6 -30.57 10.65 -7.28
C ILE B 6 -30.71 9.64 -8.42
N ILE B 7 -30.12 8.46 -8.25
CA ILE B 7 -30.24 7.38 -9.22
C ILE B 7 -30.66 6.10 -8.51
N GLY B 8 -31.81 5.57 -8.87
CA GLY B 8 -32.25 4.30 -8.33
C GLY B 8 -31.65 3.15 -9.11
N ALA B 9 -31.09 2.18 -8.40
CA ALA B 9 -30.57 0.99 -9.05
C ALA B 9 -31.16 -0.26 -8.39
N PRO B 10 -32.39 -0.61 -8.78
CA PRO B 10 -33.12 -1.74 -8.21
C PRO B 10 -32.60 -3.06 -8.77
N PHE B 11 -31.41 -3.46 -8.30
CA PHE B 11 -30.71 -4.62 -8.86
C PHE B 11 -30.23 -5.56 -7.77
N SER B 12 -30.42 -6.86 -7.98
CA SER B 12 -30.14 -7.85 -6.96
C SER B 12 -29.25 -9.01 -7.38
N LYS B 13 -28.91 -9.14 -8.65
CA LYS B 13 -28.29 -10.38 -9.10
C LYS B 13 -26.80 -10.53 -8.80
N GLY B 14 -26.24 -9.60 -8.05
CA GLY B 14 -24.89 -9.76 -7.53
C GLY B 14 -24.83 -10.64 -6.30
N GLN B 15 -26.01 -11.10 -5.85
CA GLN B 15 -26.15 -11.89 -4.63
C GLN B 15 -27.47 -12.70 -4.64
N PRO B 16 -27.58 -13.73 -3.76
CA PRO B 16 -28.69 -14.69 -3.78
C PRO B 16 -30.09 -14.27 -3.29
N ARG B 17 -30.20 -13.26 -2.43
CA ARG B 17 -31.48 -12.93 -1.81
C ARG B 17 -32.19 -11.78 -2.53
N GLY B 18 -33.38 -12.04 -3.07
CA GLY B 18 -34.04 -11.14 -4.03
C GLY B 18 -34.57 -9.76 -3.65
N GLY B 19 -34.88 -9.54 -2.38
CA GLY B 19 -35.54 -8.32 -1.98
C GLY B 19 -34.76 -7.01 -2.01
N VAL B 20 -33.47 -7.08 -2.31
CA VAL B 20 -32.63 -5.88 -2.29
C VAL B 20 -32.93 -4.93 -3.45
N GLU B 21 -33.67 -5.42 -4.46
CA GLU B 21 -34.13 -4.56 -5.55
C GLU B 21 -35.11 -3.51 -5.06
N GLU B 22 -35.70 -3.75 -3.89
CA GLU B 22 -36.74 -2.86 -3.37
C GLU B 22 -36.12 -1.72 -2.56
N GLY B 23 -34.81 -1.67 -2.50
CA GLY B 23 -34.07 -0.64 -1.80
C GLY B 23 -34.40 0.80 -2.19
N PRO B 24 -34.34 1.14 -3.48
CA PRO B 24 -34.67 2.51 -3.89
C PRO B 24 -36.11 2.90 -3.57
N THR B 25 -37.00 1.91 -3.62
CA THR B 25 -38.41 2.11 -3.36
C THR B 25 -38.69 2.51 -1.92
N VAL B 26 -38.10 1.77 -0.98
CA VAL B 26 -38.36 2.01 0.44
C VAL B 26 -37.61 3.24 0.97
N LEU B 27 -36.45 3.52 0.40
CA LEU B 27 -35.72 4.73 0.77
C LEU B 27 -36.45 5.97 0.30
N ARG B 28 -37.05 5.90 -0.88
CA ARG B 28 -37.85 7.01 -1.40
C ARG B 28 -39.16 7.19 -0.66
N LYS B 29 -39.82 6.08 -0.37
CA LYS B 29 -41.08 6.12 0.38
C LYS B 29 -40.87 6.65 1.80
N ALA B 30 -39.66 6.50 2.33
CA ALA B 30 -39.30 7.05 3.63
C ALA B 30 -39.10 8.56 3.60
N GLY B 31 -39.20 9.14 2.40
CA GLY B 31 -39.21 10.58 2.24
C GLY B 31 -37.83 11.17 2.13
N LEU B 32 -36.90 10.40 1.60
CA LEU B 32 -35.51 10.82 1.45
C LEU B 32 -35.39 12.12 0.67
N LEU B 33 -36.15 12.24 -0.41
CA LEU B 33 -36.04 13.40 -1.26
C LEU B 33 -36.64 14.66 -0.66
N GLU B 34 -37.74 14.53 0.04
CA GLU B 34 -38.36 15.68 0.67
C GLU B 34 -37.53 16.17 1.85
N LYS B 35 -36.85 15.24 2.52
CA LYS B 35 -36.03 15.56 3.68
C LYS B 35 -34.70 16.17 3.28
N LEU B 36 -34.19 15.77 2.13
CA LEU B 36 -33.02 16.39 1.51
C LEU B 36 -33.30 17.83 1.07
N LYS B 37 -34.55 18.12 0.69
CA LYS B 37 -34.97 19.47 0.34
C LYS B 37 -35.24 20.38 1.54
N GLU B 38 -35.66 19.77 2.65
CA GLU B 38 -35.94 20.50 3.87
C GLU B 38 -34.66 21.12 4.42
N GLN B 39 -33.54 20.46 4.15
CA GLN B 39 -32.25 21.02 4.50
C GLN B 39 -31.69 21.57 3.18
N GLU B 40 -30.39 21.83 3.20
CA GLU B 40 -29.66 22.53 2.15
C GLU B 40 -29.42 21.65 0.95
N CYS B 41 -30.45 21.48 0.11
CA CYS B 41 -30.33 20.57 -1.02
C CYS B 41 -31.22 20.88 -2.24
N ASP B 42 -30.56 21.09 -3.37
CA ASP B 42 -31.20 21.21 -4.68
C ASP B 42 -31.27 19.83 -5.32
N VAL B 43 -32.43 19.18 -5.26
CA VAL B 43 -32.53 17.79 -5.65
C VAL B 43 -33.13 17.60 -7.03
N LYS B 44 -32.52 16.72 -7.83
CA LYS B 44 -33.07 16.29 -9.12
C LYS B 44 -33.07 14.75 -9.20
N ASP B 45 -34.26 14.17 -9.30
CA ASP B 45 -34.38 12.72 -9.37
C ASP B 45 -34.22 12.26 -10.81
N TYR B 46 -33.21 11.43 -11.06
CA TYR B 46 -32.97 10.85 -12.38
C TYR B 46 -33.66 9.48 -12.61
N GLY B 47 -34.56 9.12 -11.70
CA GLY B 47 -35.39 7.95 -11.85
C GLY B 47 -34.71 6.64 -11.50
N ASP B 48 -35.45 5.53 -11.61
CA ASP B 48 -34.92 4.18 -11.41
C ASP B 48 -34.42 3.58 -12.71
N LEU B 49 -33.18 3.09 -12.71
CA LEU B 49 -32.60 2.47 -13.89
C LEU B 49 -33.30 1.17 -14.26
N PRO B 50 -33.72 1.04 -15.53
CA PRO B 50 -34.34 -0.18 -16.07
C PRO B 50 -33.31 -1.24 -16.42
N PHE B 51 -33.28 -2.29 -15.61
CA PHE B 51 -32.35 -3.39 -15.78
C PHE B 51 -33.09 -4.57 -16.38
N ALA B 52 -32.89 -4.78 -17.68
CA ALA B 52 -33.49 -5.90 -18.39
C ALA B 52 -32.98 -7.23 -17.88
N ASP B 53 -33.88 -8.19 -17.74
CA ASP B 53 -33.51 -9.57 -17.43
C ASP B 53 -32.67 -10.11 -18.58
N ILE B 54 -31.60 -10.82 -18.25
CA ILE B 54 -30.86 -11.61 -19.21
C ILE B 54 -31.08 -13.08 -18.83
N PRO B 55 -32.08 -13.74 -19.44
CA PRO B 55 -32.61 -15.04 -19.02
C PRO B 55 -31.64 -16.21 -19.18
N ASN B 56 -30.72 -16.08 -20.12
CA ASN B 56 -29.63 -17.03 -20.31
C ASN B 56 -28.34 -16.36 -19.88
N ASP B 57 -27.99 -16.54 -18.61
CA ASP B 57 -26.84 -15.90 -18.01
C ASP B 57 -26.07 -16.98 -17.27
N SER B 58 -25.44 -17.87 -18.04
CA SER B 58 -24.71 -19.02 -17.52
C SER B 58 -23.52 -18.57 -16.68
N PRO B 59 -23.16 -19.33 -15.62
CA PRO B 59 -22.06 -18.91 -14.74
C PRO B 59 -20.69 -18.92 -15.41
N PHE B 60 -19.83 -18.00 -14.98
CA PHE B 60 -18.43 -18.06 -15.35
C PHE B 60 -17.70 -18.76 -14.20
N GLN B 61 -17.25 -19.99 -14.43
CA GLN B 61 -16.75 -20.82 -13.35
C GLN B 61 -17.84 -20.94 -12.30
N ILE B 62 -17.60 -20.39 -11.11
CA ILE B 62 -18.64 -20.38 -10.08
C ILE B 62 -19.30 -19.01 -9.93
N VAL B 63 -18.88 -18.05 -10.74
CA VAL B 63 -19.42 -16.70 -10.69
C VAL B 63 -20.81 -16.63 -11.27
N LYS B 64 -21.77 -16.21 -10.44
CA LYS B 64 -23.19 -16.22 -10.80
C LYS B 64 -23.69 -14.92 -11.45
N ASN B 65 -24.58 -15.07 -12.42
CA ASN B 65 -25.18 -13.95 -13.13
C ASN B 65 -24.19 -12.91 -13.71
N PRO B 66 -23.12 -13.35 -14.41
CA PRO B 66 -22.10 -12.38 -14.83
C PRO B 66 -22.55 -11.30 -15.82
N ARG B 67 -23.31 -11.69 -16.83
CA ARG B 67 -23.78 -10.72 -17.82
C ARG B 67 -24.74 -9.70 -17.22
N SER B 68 -25.54 -10.13 -16.25
CA SER B 68 -26.52 -9.24 -15.62
C SER B 68 -25.80 -8.21 -14.76
N VAL B 69 -24.87 -8.68 -13.93
CA VAL B 69 -24.13 -7.79 -13.05
C VAL B 69 -23.29 -6.80 -13.84
N GLY B 70 -22.66 -7.30 -14.89
CA GLY B 70 -21.86 -6.46 -15.76
C GLY B 70 -22.67 -5.39 -16.46
N LYS B 71 -23.85 -5.75 -16.97
CA LYS B 71 -24.64 -4.77 -17.73
C LYS B 71 -25.19 -3.69 -16.83
N ALA B 72 -25.72 -4.11 -15.68
CA ALA B 72 -26.27 -3.18 -14.70
C ALA B 72 -25.22 -2.15 -14.28
N SER B 73 -24.00 -2.59 -14.06
CA SER B 73 -22.93 -1.66 -13.73
C SER B 73 -22.56 -0.80 -14.92
N GLU B 74 -22.60 -1.36 -16.13
CA GLU B 74 -22.28 -0.57 -17.34
C GLU B 74 -23.28 0.57 -17.51
N GLN B 75 -24.55 0.26 -17.33
CA GLN B 75 -25.61 1.25 -17.40
C GLN B 75 -25.46 2.29 -16.30
N LEU B 76 -25.15 1.83 -15.09
CA LEU B 76 -25.08 2.72 -13.94
C LEU B 76 -23.93 3.69 -14.11
N ALA B 77 -22.83 3.20 -14.67
CA ALA B 77 -21.64 4.01 -14.91
C ALA B 77 -21.92 5.18 -15.85
N GLY B 78 -22.62 4.91 -16.94
CA GLY B 78 -23.01 5.95 -17.88
C GLY B 78 -23.92 6.97 -17.25
N LYS B 79 -24.79 6.52 -16.35
CA LYS B 79 -25.75 7.40 -15.73
C LYS B 79 -25.09 8.27 -14.66
N VAL B 80 -24.13 7.72 -13.93
CA VAL B 80 -23.39 8.49 -12.93
C VAL B 80 -22.48 9.52 -13.59
N ALA B 81 -21.88 9.17 -14.71
CA ALA B 81 -21.06 10.13 -15.44
C ALA B 81 -21.93 11.25 -15.97
N GLU B 82 -23.16 10.93 -16.34
CA GLU B 82 -24.12 11.95 -16.78
C GLU B 82 -24.44 12.96 -15.66
N VAL B 83 -24.68 12.43 -14.58
CA VAL B 83 -24.97 13.21 -13.39
C VAL B 83 -23.79 14.10 -13.00
N LYS B 84 -22.58 13.59 -13.17
CA LYS B 84 -21.39 14.27 -12.70
C LYS B 84 -21.08 15.39 -13.67
N LYS B 85 -21.38 15.14 -14.95
CA LYS B 85 -21.22 16.16 -15.98
C LYS B 85 -22.26 17.27 -15.83
N ASN B 86 -23.35 16.96 -15.14
CA ASN B 86 -24.34 17.96 -14.78
C ASN B 86 -23.97 18.80 -13.56
N GLY B 87 -22.79 18.56 -12.99
CA GLY B 87 -22.33 19.30 -11.82
C GLY B 87 -22.93 18.90 -10.49
N ARG B 88 -23.55 17.73 -10.45
CA ARG B 88 -24.30 17.28 -9.29
C ARG B 88 -23.56 16.18 -8.52
N ILE B 89 -23.82 16.08 -7.22
CA ILE B 89 -23.38 14.95 -6.43
C ILE B 89 -24.26 13.75 -6.75
N SER B 90 -23.65 12.63 -7.15
CA SER B 90 -24.43 11.44 -7.47
C SER B 90 -24.80 10.69 -6.19
N LEU B 91 -26.08 10.37 -6.06
CA LEU B 91 -26.57 9.59 -4.91
C LEU B 91 -27.24 8.33 -5.41
N VAL B 92 -26.54 7.21 -5.29
CA VAL B 92 -27.01 5.94 -5.80
C VAL B 92 -27.68 5.13 -4.69
N LEU B 93 -28.94 4.77 -4.92
CA LEU B 93 -29.69 3.93 -4.02
C LEU B 93 -29.69 2.51 -4.57
N GLY B 94 -29.06 1.60 -3.86
CA GLY B 94 -29.01 0.22 -4.27
C GLY B 94 -30.09 -0.57 -3.58
N GLY B 95 -30.22 -1.85 -3.92
CA GLY B 95 -29.33 -2.51 -4.85
C GLY B 95 -28.17 -3.17 -4.12
N ASP B 96 -27.59 -4.21 -4.72
CA ASP B 96 -26.47 -4.89 -4.09
C ASP B 96 -25.13 -4.22 -4.42
N HIS B 97 -24.10 -4.53 -3.64
CA HIS B 97 -22.85 -3.79 -3.72
C HIS B 97 -22.00 -4.07 -4.97
N SER B 98 -22.42 -4.97 -5.85
CA SER B 98 -21.69 -5.15 -7.10
C SER B 98 -21.80 -3.88 -7.94
N LEU B 99 -22.89 -3.14 -7.75
CA LEU B 99 -23.12 -1.89 -8.46
C LEU B 99 -22.03 -0.84 -8.26
N ALA B 100 -21.21 -0.99 -7.22
CA ALA B 100 -20.12 -0.06 -6.98
C ALA B 100 -19.13 -0.05 -8.13
N ILE B 101 -19.04 -1.15 -8.88
CA ILE B 101 -18.26 -1.17 -10.11
C ILE B 101 -18.72 -0.07 -11.05
N GLY B 102 -20.03 -0.02 -11.29
CA GLY B 102 -20.63 1.00 -12.12
C GLY B 102 -20.55 2.39 -11.54
N SER B 103 -20.90 2.52 -10.27
CA SER B 103 -20.94 3.81 -9.61
C SER B 103 -19.59 4.52 -9.57
N ILE B 104 -18.55 3.81 -9.15
CA ILE B 104 -17.22 4.39 -9.04
C ILE B 104 -16.60 4.61 -10.42
N SER B 105 -16.80 3.68 -11.36
CA SER B 105 -16.26 3.82 -12.71
C SER B 105 -16.82 5.04 -13.43
N GLY B 106 -18.14 5.16 -13.42
CA GLY B 106 -18.79 6.32 -14.01
C GLY B 106 -18.36 7.62 -13.38
N HIS B 107 -18.19 7.61 -12.06
CA HIS B 107 -17.72 8.78 -11.32
C HIS B 107 -16.31 9.14 -11.76
N ALA B 108 -15.47 8.11 -11.92
CA ALA B 108 -14.06 8.27 -12.32
C ALA B 108 -13.87 8.73 -13.77
N ARG B 109 -14.90 8.62 -14.59
CA ARG B 109 -14.79 9.12 -15.95
C ARG B 109 -14.76 10.65 -15.95
N VAL B 110 -15.44 11.26 -14.99
CA VAL B 110 -15.46 12.73 -14.84
C VAL B 110 -14.39 13.20 -13.84
N HIS B 111 -14.19 12.45 -12.77
CA HIS B 111 -13.19 12.79 -11.75
C HIS B 111 -12.24 11.62 -11.51
N PRO B 112 -11.22 11.45 -12.37
CA PRO B 112 -10.26 10.35 -12.27
C PRO B 112 -9.33 10.44 -11.05
N ASP B 113 -9.32 11.57 -10.36
CA ASP B 113 -8.50 11.75 -9.16
C ASP B 113 -9.28 11.53 -7.85
N LEU B 114 -10.48 10.97 -7.95
CA LEU B 114 -11.30 10.70 -6.77
C LEU B 114 -10.63 9.68 -5.83
N GLY B 115 -11.00 9.73 -4.56
CA GLY B 115 -10.55 8.76 -3.58
C GLY B 115 -11.78 8.12 -2.97
N VAL B 116 -11.66 6.86 -2.57
CA VAL B 116 -12.82 6.10 -2.11
C VAL B 116 -12.76 5.81 -0.62
N ILE B 117 -13.87 6.07 0.07
CA ILE B 117 -14.06 5.60 1.43
C ILE B 117 -15.09 4.49 1.36
N TRP B 118 -14.77 3.34 1.92
CA TRP B 118 -15.59 2.16 1.77
C TRP B 118 -16.04 1.67 3.13
N VAL B 119 -17.28 1.95 3.49
CA VAL B 119 -17.79 1.58 4.79
C VAL B 119 -18.56 0.27 4.67
N ASP B 120 -18.10 -0.75 5.37
CA ASP B 120 -18.57 -2.11 5.11
C ASP B 120 -17.99 -3.05 6.14
N ALA B 121 -18.72 -4.12 6.46
CA ALA B 121 -18.15 -5.21 7.24
C ALA B 121 -17.16 -6.01 6.41
N HIS B 122 -17.23 -5.84 5.09
CA HIS B 122 -16.49 -6.65 4.12
C HIS B 122 -15.61 -5.80 3.19
N THR B 123 -14.53 -6.37 2.67
CA THR B 123 -13.65 -5.67 1.73
C THR B 123 -14.16 -5.68 0.30
N ASP B 124 -15.01 -6.67 -0.02
CA ASP B 124 -15.56 -6.79 -1.36
C ASP B 124 -14.48 -6.83 -2.45
N ILE B 125 -13.40 -7.54 -2.17
CA ILE B 125 -12.22 -7.51 -3.01
C ILE B 125 -11.80 -8.91 -3.47
N ASN B 126 -12.68 -9.88 -3.29
CA ASN B 126 -12.47 -11.17 -3.92
C ASN B 126 -12.41 -10.96 -5.43
N THR B 127 -11.57 -11.73 -6.12
CA THR B 127 -11.55 -11.71 -7.57
C THR B 127 -12.42 -12.87 -8.03
N PRO B 128 -12.72 -12.91 -9.34
CA PRO B 128 -13.50 -14.05 -9.83
C PRO B 128 -12.87 -15.40 -9.57
N LEU B 129 -11.56 -15.43 -9.35
CA LEU B 129 -10.82 -16.66 -9.13
C LEU B 129 -10.61 -17.03 -7.66
N THR B 130 -10.68 -16.07 -6.73
CA THR B 130 -10.54 -16.39 -5.30
C THR B 130 -11.87 -16.59 -4.59
N THR B 131 -12.95 -16.13 -5.19
CA THR B 131 -14.27 -16.23 -4.57
C THR B 131 -14.67 -17.68 -4.33
N THR B 132 -15.35 -17.93 -3.21
CA THR B 132 -15.82 -19.27 -2.88
C THR B 132 -17.35 -19.37 -3.01
N SER B 133 -18.02 -18.22 -2.97
CA SER B 133 -19.47 -18.18 -3.10
C SER B 133 -19.89 -17.90 -4.53
N GLY B 134 -19.08 -17.11 -5.23
CA GLY B 134 -19.36 -16.75 -6.60
C GLY B 134 -20.31 -15.57 -6.71
N ASN B 135 -20.55 -14.89 -5.59
CA ASN B 135 -21.46 -13.77 -5.55
C ASN B 135 -20.70 -12.50 -5.85
N LEU B 136 -21.11 -11.78 -6.90
CA LEU B 136 -20.34 -10.64 -7.41
C LEU B 136 -20.38 -9.41 -6.52
N HIS B 137 -21.35 -9.34 -5.61
CA HIS B 137 -21.41 -8.24 -4.64
C HIS B 137 -20.20 -8.24 -3.68
N GLY B 138 -19.51 -9.38 -3.63
CA GLY B 138 -18.30 -9.54 -2.83
C GLY B 138 -17.02 -9.45 -3.65
N GLN B 139 -17.12 -8.91 -4.85
CA GLN B 139 -15.99 -8.72 -5.76
C GLN B 139 -15.75 -7.34 -6.40
N PRO B 140 -16.59 -6.32 -6.11
CA PRO B 140 -16.50 -5.14 -6.99
C PRO B 140 -15.15 -4.41 -6.97
N VAL B 141 -14.51 -4.35 -5.81
CA VAL B 141 -13.24 -3.64 -5.70
C VAL B 141 -12.15 -4.26 -6.58
N SER B 142 -12.16 -5.57 -6.72
CA SER B 142 -11.17 -6.28 -7.53
C SER B 142 -11.22 -5.88 -9.01
N PHE B 143 -12.42 -5.57 -9.48
CA PHE B 143 -12.63 -5.08 -10.85
C PHE B 143 -12.17 -3.63 -11.01
N LEU B 144 -12.11 -2.90 -9.89
CA LEU B 144 -11.82 -1.48 -9.89
C LEU B 144 -10.35 -1.14 -9.74
N LEU B 145 -9.58 -2.00 -9.07
CA LEU B 145 -8.20 -1.67 -8.71
C LEU B 145 -7.20 -1.88 -9.84
N LYS B 146 -6.41 -0.85 -10.12
CA LYS B 146 -5.36 -0.93 -11.13
C LYS B 146 -4.38 -2.06 -10.87
N GLU B 147 -3.99 -2.25 -9.60
CA GLU B 147 -2.92 -3.21 -9.26
C GLU B 147 -3.33 -4.66 -9.43
N LEU B 148 -4.60 -4.90 -9.68
CA LEU B 148 -5.09 -6.25 -9.87
C LEU B 148 -5.36 -6.50 -11.34
N LYS B 149 -4.84 -5.63 -12.20
CA LYS B 149 -4.82 -5.89 -13.64
C LYS B 149 -3.89 -7.07 -13.90
N GLY B 150 -4.42 -8.08 -14.56
CA GLY B 150 -3.70 -9.33 -14.76
C GLY B 150 -4.22 -10.48 -13.91
N LYS B 151 -4.94 -10.16 -12.84
CA LYS B 151 -5.52 -11.16 -11.95
C LYS B 151 -7.01 -11.35 -12.17
N ILE B 152 -7.60 -10.46 -12.96
CA ILE B 152 -9.02 -10.50 -13.28
C ILE B 152 -9.21 -11.14 -14.66
N PRO B 153 -9.87 -12.31 -14.72
CA PRO B 153 -10.10 -13.00 -16.00
C PRO B 153 -11.14 -12.29 -16.84
N ASP B 154 -11.22 -12.59 -18.13
CA ASP B 154 -12.22 -11.96 -18.98
C ASP B 154 -13.60 -12.56 -18.72
N VAL B 155 -14.33 -11.97 -17.80
CA VAL B 155 -15.67 -12.42 -17.46
C VAL B 155 -16.68 -11.76 -18.39
N PRO B 156 -17.61 -12.54 -18.96
CA PRO B 156 -18.64 -11.96 -19.85
C PRO B 156 -19.47 -10.90 -19.15
N GLY B 157 -19.66 -9.76 -19.81
CA GLY B 157 -20.38 -8.65 -19.22
C GLY B 157 -19.49 -7.53 -18.73
N PHE B 158 -18.19 -7.80 -18.67
CA PHE B 158 -17.25 -6.84 -18.10
C PHE B 158 -16.13 -6.38 -19.02
N SER B 159 -16.34 -6.45 -20.33
CA SER B 159 -15.29 -6.07 -21.28
C SER B 159 -15.10 -4.56 -21.34
N TRP B 160 -16.12 -3.81 -20.90
CA TRP B 160 -16.12 -2.36 -20.90
C TRP B 160 -15.29 -1.76 -19.75
N VAL B 161 -15.05 -2.55 -18.71
CA VAL B 161 -14.38 -2.09 -17.50
C VAL B 161 -12.90 -1.81 -17.71
N THR B 162 -12.49 -0.63 -17.29
CA THR B 162 -11.07 -0.34 -17.09
C THR B 162 -10.86 -0.01 -15.60
N PRO B 163 -9.87 -0.65 -14.96
CA PRO B 163 -9.55 -0.35 -13.56
C PRO B 163 -9.17 1.10 -13.41
N CYS B 164 -9.84 1.80 -12.50
CA CYS B 164 -9.74 3.25 -12.39
C CYS B 164 -9.00 3.72 -11.15
N ILE B 165 -9.05 2.92 -10.09
CA ILE B 165 -8.52 3.35 -8.80
C ILE B 165 -7.27 2.57 -8.40
N SER B 166 -6.21 3.29 -8.04
CA SER B 166 -5.01 2.67 -7.49
C SER B 166 -5.33 2.23 -6.07
N ALA B 167 -4.56 1.28 -5.57
CA ALA B 167 -4.77 0.79 -4.21
C ALA B 167 -4.51 1.86 -3.16
N LYS B 168 -3.72 2.88 -3.52
CA LYS B 168 -3.35 3.95 -2.60
C LYS B 168 -4.48 4.95 -2.34
N ASP B 169 -5.57 4.82 -3.10
CA ASP B 169 -6.64 5.81 -3.11
C ASP B 169 -7.98 5.31 -2.59
N ILE B 170 -7.97 4.25 -1.78
CA ILE B 170 -9.18 3.73 -1.13
C ILE B 170 -8.92 3.46 0.34
N VAL B 171 -9.90 3.75 1.20
CA VAL B 171 -9.79 3.43 2.61
C VAL B 171 -11.05 2.67 3.06
N TYR B 172 -10.83 1.54 3.72
CA TYR B 172 -11.92 0.74 4.29
C TYR B 172 -12.20 1.15 5.73
N ILE B 173 -13.46 1.19 6.12
CA ILE B 173 -13.81 1.36 7.52
C ILE B 173 -14.87 0.35 7.93
N GLY B 174 -14.60 -0.40 8.99
CA GLY B 174 -15.59 -1.27 9.60
C GLY B 174 -15.40 -2.76 9.39
N LEU B 175 -14.31 -3.15 8.74
CA LEU B 175 -14.08 -4.55 8.40
C LEU B 175 -14.13 -5.50 9.58
N ARG B 176 -14.89 -6.57 9.42
CA ARG B 176 -14.86 -7.71 10.36
C ARG B 176 -15.28 -9.07 9.81
N ASP B 177 -15.27 -9.22 8.49
CA ASP B 177 -15.60 -10.48 7.85
C ASP B 177 -14.91 -10.52 6.49
N VAL B 178 -13.61 -10.81 6.54
CA VAL B 178 -12.73 -10.76 5.40
C VAL B 178 -12.21 -12.16 5.10
N ASP B 179 -12.38 -12.60 3.86
CA ASP B 179 -11.99 -13.96 3.47
C ASP B 179 -10.48 -14.06 3.39
N PRO B 180 -9.93 -15.29 3.49
CA PRO B 180 -8.48 -15.47 3.43
C PRO B 180 -7.82 -14.85 2.21
N GLY B 181 -8.42 -15.00 1.04
CA GLY B 181 -7.88 -14.43 -0.19
C GLY B 181 -7.93 -12.93 -0.19
N GLU B 182 -8.98 -12.37 0.40
CA GLU B 182 -9.14 -10.92 0.48
C GLU B 182 -8.10 -10.32 1.40
N HIS B 183 -7.79 -11.02 2.49
CA HIS B 183 -6.81 -10.54 3.46
C HIS B 183 -5.43 -10.52 2.82
N TYR B 184 -5.15 -11.53 2.00
CA TYR B 184 -3.89 -11.60 1.26
C TYR B 184 -3.75 -10.37 0.38
N ILE B 185 -4.81 -10.01 -0.32
CA ILE B 185 -4.80 -8.86 -1.20
C ILE B 185 -4.64 -7.56 -0.42
N LEU B 186 -5.47 -7.38 0.59
CA LEU B 186 -5.40 -6.22 1.48
C LEU B 186 -3.96 -5.94 1.90
N LYS B 187 -3.34 -6.90 2.55
CA LYS B 187 -1.96 -6.77 3.02
C LYS B 187 -0.93 -6.62 1.90
N THR B 188 -1.06 -7.38 0.82
CA THR B 188 -0.11 -7.33 -0.27
C THR B 188 -0.11 -6.00 -1.01
N LEU B 189 -1.34 -5.50 -1.20
CA LEU B 189 -1.35 -4.26 -1.96
C LEU B 189 -1.20 -3.02 -1.09
N GLY B 190 -1.28 -3.18 0.15
CA GLY B 190 -1.02 -2.11 1.10
C GLY B 190 -2.17 -1.15 1.24
N ILE B 191 -3.38 -1.65 1.00
CA ILE B 191 -4.59 -0.84 1.11
C ILE B 191 -4.79 -0.40 2.56
N LYS B 192 -5.07 0.89 2.75
CA LYS B 192 -5.32 1.41 4.08
C LYS B 192 -6.68 0.91 4.55
N TYR B 193 -6.73 0.40 5.78
CA TYR B 193 -7.97 -0.10 6.32
C TYR B 193 -8.07 0.21 7.80
N PHE B 194 -9.30 0.45 8.22
CA PHE B 194 -9.66 0.50 9.62
C PHE B 194 -10.71 -0.56 9.85
N SER B 195 -10.26 -1.75 10.20
CA SER B 195 -11.18 -2.81 10.60
C SER B 195 -11.77 -2.43 11.96
N MET B 196 -12.66 -3.27 12.49
CA MET B 196 -13.26 -2.99 13.78
C MET B 196 -12.24 -2.96 14.90
N THR B 197 -11.17 -3.74 14.75
CA THR B 197 -10.05 -3.73 15.69
C THR B 197 -9.40 -2.34 15.80
N GLU B 198 -9.19 -1.68 14.65
CA GLU B 198 -8.65 -0.32 14.62
C GLU B 198 -9.64 0.72 15.12
N VAL B 199 -10.92 0.55 14.80
CA VAL B 199 -11.94 1.44 15.32
C VAL B 199 -11.97 1.34 16.83
N ASP B 200 -11.87 0.11 17.35
CA ASP B 200 -11.85 -0.11 18.79
C ASP B 200 -10.63 0.52 19.42
N ARG B 201 -9.48 0.36 18.76
CA ARG B 201 -8.20 0.86 19.25
C ARG B 201 -8.15 2.38 19.29
N LEU B 202 -8.54 3.01 18.19
CA LEU B 202 -8.34 4.45 18.03
C LEU B 202 -9.55 5.29 18.45
N GLY B 203 -10.73 4.72 18.33
CA GLY B 203 -11.96 5.48 18.42
C GLY B 203 -12.28 6.01 17.03
N ILE B 204 -13.56 6.20 16.75
CA ILE B 204 -14.01 6.61 15.43
C ILE B 204 -13.51 8.01 15.08
N GLY B 205 -13.25 8.83 16.08
CA GLY B 205 -12.71 10.16 15.87
C GLY B 205 -11.35 10.15 15.22
N LYS B 206 -10.41 9.41 15.82
CA LYS B 206 -9.07 9.26 15.27
C LYS B 206 -9.10 8.53 13.92
N VAL B 207 -10.02 7.58 13.76
CA VAL B 207 -10.20 6.89 12.49
C VAL B 207 -10.52 7.85 11.35
N MET B 208 -11.44 8.79 11.58
CA MET B 208 -11.79 9.75 10.55
C MET B 208 -10.68 10.78 10.29
N GLU B 209 -9.95 11.14 11.33
CA GLU B 209 -8.83 12.05 11.16
C GLU B 209 -7.76 11.43 10.29
N GLU B 210 -7.48 10.15 10.53
CA GLU B 210 -6.44 9.44 9.80
C GLU B 210 -6.90 9.09 8.38
N THR B 211 -8.16 8.74 8.23
CA THR B 211 -8.76 8.49 6.91
C THR B 211 -8.66 9.72 6.00
N LEU B 212 -9.09 10.86 6.50
CA LEU B 212 -9.15 12.05 5.67
C LEU B 212 -7.77 12.61 5.40
N SER B 213 -6.88 12.55 6.39
CA SER B 213 -5.50 13.01 6.23
C SER B 213 -4.76 12.15 5.22
N TYR B 214 -5.07 10.85 5.18
CA TYR B 214 -4.45 9.93 4.24
C TYR B 214 -4.96 10.14 2.81
N LEU B 215 -6.25 10.45 2.68
CA LEU B 215 -6.88 10.73 1.39
C LEU B 215 -6.77 12.19 0.92
N LEU B 216 -6.70 13.14 1.84
CA LEU B 216 -6.75 14.57 1.49
C LEU B 216 -5.51 15.42 1.78
N GLY B 217 -4.49 14.85 2.40
CA GLY B 217 -3.33 15.62 2.84
C GLY B 217 -2.37 16.13 1.77
N ARG B 218 -2.17 15.34 0.70
CA ARG B 218 -1.28 15.72 -0.39
C ARG B 218 -1.97 16.72 -1.32
N LYS B 219 -3.13 16.34 -1.84
CA LYS B 219 -4.00 17.26 -2.60
C LYS B 219 -5.43 17.11 -2.13
N LYS B 220 -6.20 18.18 -2.27
CA LYS B 220 -7.66 18.07 -2.17
C LYS B 220 -8.20 17.49 -3.47
N ARG B 221 -8.99 16.42 -3.35
CA ARG B 221 -9.66 15.80 -4.50
C ARG B 221 -11.05 15.31 -4.12
N PRO B 222 -11.87 14.94 -5.11
CA PRO B 222 -13.23 14.46 -4.81
C PRO B 222 -13.29 13.17 -4.00
N ILE B 223 -14.33 13.02 -3.18
CA ILE B 223 -14.53 11.82 -2.37
C ILE B 223 -15.73 11.01 -2.86
N HIS B 224 -15.54 9.70 -3.00
CA HIS B 224 -16.63 8.80 -3.26
C HIS B 224 -16.87 7.97 -2.01
N LEU B 225 -18.03 8.13 -1.39
CA LEU B 225 -18.39 7.29 -0.25
C LEU B 225 -19.28 6.14 -0.68
N SER B 226 -18.79 4.92 -0.54
CA SER B 226 -19.60 3.75 -0.83
C SER B 226 -19.96 3.11 0.49
N PHE B 227 -21.22 3.30 0.90
CA PHE B 227 -21.68 2.91 2.20
C PHE B 227 -22.53 1.63 2.10
N ASP B 228 -22.00 0.52 2.61
CA ASP B 228 -22.77 -0.70 2.78
C ASP B 228 -23.40 -0.64 4.16
N VAL B 229 -24.71 -0.79 4.22
CA VAL B 229 -25.42 -0.67 5.48
C VAL B 229 -25.02 -1.77 6.44
N ASP B 230 -24.45 -2.86 5.93
CA ASP B 230 -23.95 -3.90 6.83
C ASP B 230 -22.68 -3.48 7.56
N GLY B 231 -22.18 -2.29 7.23
CA GLY B 231 -21.07 -1.71 7.97
C GLY B 231 -21.45 -1.48 9.42
N LEU B 232 -22.70 -1.06 9.61
CA LEU B 232 -23.25 -0.86 10.94
C LEU B 232 -23.73 -2.18 11.55
N ASP B 233 -23.80 -2.22 12.87
CA ASP B 233 -24.17 -3.45 13.58
C ASP B 233 -25.60 -3.88 13.24
N PRO B 234 -25.84 -5.20 13.17
CA PRO B 234 -27.18 -5.75 12.90
C PRO B 234 -28.30 -5.27 13.86
N SER B 235 -27.96 -4.74 15.02
CA SER B 235 -28.98 -4.18 15.90
C SER B 235 -29.47 -2.82 15.42
N PHE B 236 -28.77 -2.24 14.46
CA PHE B 236 -29.15 -0.97 13.82
C PHE B 236 -29.65 -1.14 12.40
N THR B 237 -28.96 -1.94 11.60
CA THR B 237 -29.39 -2.22 10.24
C THR B 237 -29.58 -3.73 9.97
N PRO B 238 -30.55 -4.36 10.66
CA PRO B 238 -30.72 -5.81 10.55
C PRO B 238 -31.26 -6.27 9.20
N ALA B 239 -31.94 -5.40 8.45
CA ALA B 239 -32.51 -5.78 7.17
C ALA B 239 -31.49 -5.70 6.05
N THR B 240 -30.53 -6.63 6.08
CA THR B 240 -29.45 -6.69 5.10
C THR B 240 -29.06 -8.16 4.93
N GLY B 241 -28.45 -8.50 3.79
CA GLY B 241 -28.24 -9.89 3.40
C GLY B 241 -27.11 -10.62 4.07
N THR B 242 -26.05 -9.89 4.39
CA THR B 242 -24.89 -10.45 5.05
C THR B 242 -24.53 -9.70 6.34
N PRO B 243 -25.37 -9.80 7.38
CA PRO B 243 -25.09 -9.09 8.64
C PRO B 243 -23.97 -9.77 9.42
N VAL B 244 -23.11 -8.97 10.04
CA VAL B 244 -22.01 -9.51 10.83
C VAL B 244 -22.00 -8.78 12.18
N VAL B 245 -22.05 -9.55 13.28
CA VAL B 245 -22.08 -8.96 14.62
C VAL B 245 -20.84 -8.13 14.94
N GLY B 246 -20.96 -7.25 15.93
CA GLY B 246 -19.87 -6.39 16.35
C GLY B 246 -19.53 -5.27 15.38
N GLY B 247 -20.54 -4.59 14.86
CA GLY B 247 -20.32 -3.57 13.85
C GLY B 247 -20.34 -2.13 14.35
N LEU B 248 -20.23 -1.18 13.42
CA LEU B 248 -20.27 0.22 13.77
C LEU B 248 -21.60 0.59 14.43
N THR B 249 -21.56 1.48 15.40
CA THR B 249 -22.79 1.91 16.06
C THR B 249 -23.49 2.92 15.17
N TYR B 250 -24.72 3.28 15.54
CA TYR B 250 -25.48 4.30 14.84
C TYR B 250 -24.70 5.61 14.94
N ARG B 251 -24.27 5.93 16.15
CA ARG B 251 -23.43 7.09 16.42
C ARG B 251 -22.17 7.17 15.53
N GLU B 252 -21.45 6.06 15.43
CA GLU B 252 -20.26 6.00 14.58
C GLU B 252 -20.60 6.19 13.10
N GLY B 253 -21.70 5.59 12.65
CA GLY B 253 -22.14 5.78 11.29
C GLY B 253 -22.39 7.24 10.97
N LEU B 254 -23.06 7.93 11.88
CA LEU B 254 -23.34 9.35 11.72
C LEU B 254 -22.07 10.18 11.80
N TYR B 255 -21.13 9.78 12.66
CA TYR B 255 -19.88 10.52 12.77
C TYR B 255 -19.05 10.47 11.49
N ILE B 256 -18.95 9.29 10.89
CA ILE B 256 -18.25 9.10 9.63
C ILE B 256 -18.77 10.04 8.58
N THR B 257 -20.09 10.06 8.43
CA THR B 257 -20.73 10.83 7.38
C THR B 257 -20.76 12.35 7.64
N GLU B 258 -20.90 12.73 8.91
CA GLU B 258 -20.78 14.13 9.30
C GLU B 258 -19.38 14.67 9.02
N GLU B 259 -18.36 13.85 9.24
CA GLU B 259 -17.00 14.28 8.97
C GLU B 259 -16.69 14.33 7.49
N ILE B 260 -17.32 13.45 6.72
CA ILE B 260 -17.15 13.47 5.28
C ILE B 260 -17.82 14.68 4.66
N TYR B 261 -19.02 15.02 5.14
CA TYR B 261 -19.70 16.25 4.73
C TYR B 261 -18.81 17.49 4.88
N LYS B 262 -18.19 17.63 6.05
CA LYS B 262 -17.47 18.85 6.38
C LYS B 262 -16.22 19.07 5.55
N THR B 263 -15.76 18.04 4.85
CA THR B 263 -14.61 18.18 3.97
C THR B 263 -14.96 19.06 2.78
N GLY B 264 -16.25 19.07 2.42
CA GLY B 264 -16.74 19.84 1.28
C GLY B 264 -16.45 19.16 -0.04
N LEU B 265 -16.00 17.91 0.02
CA LEU B 265 -15.51 17.24 -1.16
C LEU B 265 -16.30 15.99 -1.53
N LEU B 266 -17.39 15.71 -0.82
CA LEU B 266 -18.24 14.58 -1.18
C LEU B 266 -18.76 14.78 -2.59
N SER B 267 -18.55 13.78 -3.44
CA SER B 267 -18.83 13.93 -4.86
C SER B 267 -19.70 12.79 -5.39
N GLY B 268 -19.60 11.62 -4.78
CA GLY B 268 -20.44 10.49 -5.11
C GLY B 268 -20.72 9.71 -3.83
N LEU B 269 -21.92 9.16 -3.72
CA LEU B 269 -22.29 8.40 -2.53
C LEU B 269 -23.14 7.20 -2.94
N ASP B 270 -22.87 6.06 -2.31
CA ASP B 270 -23.69 4.86 -2.49
C ASP B 270 -24.32 4.45 -1.15
N ILE B 271 -25.63 4.20 -1.15
CA ILE B 271 -26.29 3.59 -0.01
C ILE B 271 -26.78 2.21 -0.41
N MET B 272 -26.02 1.18 -0.04
CA MET B 272 -26.18 -0.15 -0.62
C MET B 272 -26.65 -1.21 0.36
N GLU B 273 -27.23 -2.27 -0.20
CA GLU B 273 -27.57 -3.50 0.51
C GLU B 273 -28.73 -3.43 1.52
N VAL B 274 -29.61 -2.45 1.38
CA VAL B 274 -30.85 -2.45 2.15
C VAL B 274 -31.79 -3.45 1.49
N ASN B 275 -32.19 -4.47 2.24
CA ASN B 275 -33.14 -5.47 1.79
C ASN B 275 -34.32 -5.59 2.75
N PRO B 276 -35.42 -4.89 2.47
CA PRO B 276 -36.58 -4.91 3.35
C PRO B 276 -37.29 -6.27 3.53
N SER B 277 -37.14 -7.19 2.58
CA SER B 277 -37.77 -8.49 2.70
C SER B 277 -37.07 -9.40 3.69
N LEU B 278 -35.92 -8.96 4.21
CA LEU B 278 -35.12 -9.74 5.16
C LEU B 278 -35.30 -9.34 6.62
N GLY B 279 -36.08 -8.31 6.88
CA GLY B 279 -36.37 -7.94 8.24
C GLY B 279 -37.24 -9.01 8.86
N LYS B 280 -36.92 -9.42 10.08
CA LYS B 280 -37.68 -10.43 10.80
C LYS B 280 -39.08 -9.91 11.17
N THR B 281 -39.17 -8.59 11.38
CA THR B 281 -40.41 -7.91 11.74
C THR B 281 -40.55 -6.63 10.90
N PRO B 282 -41.75 -6.04 10.83
CA PRO B 282 -41.88 -4.75 10.15
C PRO B 282 -41.05 -3.62 10.76
N GLU B 283 -40.73 -3.71 12.05
CA GLU B 283 -39.91 -2.71 12.72
C GLU B 283 -38.43 -2.82 12.33
N GLU B 284 -37.97 -4.03 12.04
CA GLU B 284 -36.59 -4.21 11.62
C GLU B 284 -36.37 -3.56 10.26
N VAL B 285 -37.42 -3.52 9.45
CA VAL B 285 -37.36 -2.82 8.16
C VAL B 285 -37.26 -1.31 8.35
N THR B 286 -38.20 -0.74 9.09
CA THR B 286 -38.23 0.69 9.41
C THR B 286 -36.93 1.19 10.04
N ARG B 287 -36.39 0.44 11.01
CA ARG B 287 -35.13 0.77 11.68
C ARG B 287 -33.99 0.91 10.69
N THR B 288 -33.87 -0.07 9.81
CA THR B 288 -32.80 -0.09 8.81
C THR B 288 -32.93 1.06 7.83
N VAL B 289 -34.14 1.27 7.33
CA VAL B 289 -34.37 2.31 6.32
C VAL B 289 -34.14 3.66 6.96
N ASN B 290 -34.68 3.83 8.17
CA ASN B 290 -34.52 5.08 8.89
C ASN B 290 -33.06 5.40 9.20
N THR B 291 -32.29 4.40 9.62
CA THR B 291 -30.86 4.55 9.81
C THR B 291 -30.17 4.93 8.50
N ALA B 292 -30.53 4.26 7.42
CA ALA B 292 -29.92 4.52 6.11
C ALA B 292 -30.21 5.93 5.63
N VAL B 293 -31.43 6.41 5.89
CA VAL B 293 -31.80 7.78 5.56
C VAL B 293 -31.05 8.77 6.45
N ALA B 294 -30.95 8.46 7.73
CA ALA B 294 -30.25 9.33 8.66
C ALA B 294 -28.80 9.52 8.24
N ILE B 295 -28.15 8.44 7.85
CA ILE B 295 -26.78 8.47 7.38
C ILE B 295 -26.63 9.25 6.07
N THR B 296 -27.62 9.12 5.20
CA THR B 296 -27.63 9.87 3.94
C THR B 296 -27.81 11.36 4.19
N LEU B 297 -28.66 11.70 5.15
CA LEU B 297 -28.89 13.09 5.51
C LEU B 297 -27.64 13.76 6.08
N ALA B 298 -26.86 13.02 6.85
CA ALA B 298 -25.60 13.53 7.40
C ALA B 298 -24.61 13.82 6.29
N CYS B 299 -24.63 13.00 5.25
CA CYS B 299 -23.72 13.17 4.13
C CYS B 299 -23.94 14.50 3.45
N PHE B 300 -25.11 15.07 3.65
CA PHE B 300 -25.49 16.30 2.98
C PHE B 300 -25.78 17.43 3.96
N GLY B 301 -25.27 17.33 5.18
CA GLY B 301 -25.26 18.50 6.05
C GLY B 301 -26.04 18.47 7.35
N LEU B 302 -26.89 17.47 7.54
CA LEU B 302 -27.60 17.35 8.79
C LEU B 302 -26.57 17.04 9.89
N ALA B 303 -26.47 17.93 10.87
CA ALA B 303 -25.51 17.78 11.96
C ALA B 303 -26.22 17.70 13.28
N ARG B 304 -25.73 16.84 14.16
CA ARG B 304 -26.35 16.64 15.46
C ARG B 304 -26.27 17.86 16.38
N GLU B 305 -25.31 18.75 16.13
CA GLU B 305 -25.22 19.97 16.93
C GLU B 305 -26.29 20.96 16.52
N GLY B 306 -26.90 20.72 15.36
CA GLY B 306 -27.95 21.57 14.84
C GLY B 306 -27.59 22.21 13.51
N ASN B 307 -28.59 22.78 12.86
CA ASN B 307 -28.39 23.56 11.64
C ASN B 307 -29.26 24.82 11.70
N HIS B 308 -28.85 25.87 11.00
CA HIS B 308 -29.70 27.02 10.76
C HIS B 308 -29.50 27.61 9.35
N LYS B 309 -30.57 28.20 8.81
CA LYS B 309 -30.54 28.84 7.50
C LYS B 309 -29.81 30.18 7.62
N PRO B 310 -29.43 30.80 6.49
CA PRO B 310 -28.75 32.11 6.59
C PRO B 310 -29.68 33.25 7.02
N ILE B 311 -30.15 33.24 8.27
CA ILE B 311 -31.15 34.20 8.75
C ILE B 311 -30.76 34.76 10.15
N ASP B 312 -31.40 35.86 10.55
CA ASP B 312 -31.33 36.30 11.94
C ASP B 312 -32.58 35.82 12.68
N TYR B 313 -32.44 34.77 13.48
CA TYR B 313 -33.59 34.16 14.12
C TYR B 313 -34.13 34.99 15.29
N LEU B 314 -33.31 35.90 15.81
CA LEU B 314 -33.70 36.78 16.91
C LEU B 314 -34.25 38.14 16.44
#